data_5H8X
#
_entry.id   5H8X
#
_cell.length_a   32.910
_cell.length_b   68.460
_cell.length_c   68.530
_cell.angle_alpha   90.00
_cell.angle_beta   90.00
_cell.angle_gamma   90.00
#
_symmetry.space_group_name_H-M   'P 21 21 21'
#
loop_
_entity.id
_entity.type
_entity.pdbx_description
1 polymer 'Neutrophil collagenase'
2 non-polymer 'CALCIUM ION'
3 non-polymer 'ZINC ION'
4 non-polymer ~{N}-[3,4-bis(oxidanyl)phenyl]-4-phenyl-benzenesulfonamide
5 non-polymer ~{N}-[4,5-bis(oxidanylidene)cyclohexen-1-yl]-4-phenyl-benzenesulfonamide
6 non-polymer '2-(N-MORPHOLINO)-ETHANESULFONIC ACID'
7 water water
#
_entity_poly.entity_id   1
_entity_poly.type   'polypeptide(L)'
_entity_poly.pdbx_seq_one_letter_code
;MLTPGNPKWERTNLTYRIRNYTPQLSEAEVERAIKDAFELWSVASPLIFTRISQGEADINIAFYQRDHGDNSPFDGPNGI
LAHAFQPGQGIGGDAHFDAEETWTNTSANYNLFLVAAHEFGHSLGLAHSSDPGALMYPNYAFRETSNYSLPQDDIDGIQA
IYG
;
_entity_poly.pdbx_strand_id   A
#
loop_
_chem_comp.id
_chem_comp.type
_chem_comp.name
_chem_comp.formula
5XT non-polymer ~{N}-[3,4-bis(oxidanyl)phenyl]-4-phenyl-benzenesulfonamide 'C18 H15 N O4 S'
7FY non-polymer ~{N}-[4,5-bis(oxidanylidene)cyclohexen-1-yl]-4-phenyl-benzenesulfonamide 'C18 H15 N O4 S'
CA non-polymer 'CALCIUM ION' 'Ca 2'
MES non-polymer '2-(N-MORPHOLINO)-ETHANESULFONIC ACID' 'C6 H13 N O4 S'
ZN non-polymer 'ZINC ION' 'Zn 2'
#
# COMPACT_ATOMS: atom_id res chain seq x y z
N MET A 1 -19.60 -0.24 13.50
CA MET A 1 -19.11 0.93 12.77
C MET A 1 -19.44 0.78 11.28
N LEU A 2 -18.46 0.29 10.54
CA LEU A 2 -18.64 -0.10 9.13
C LEU A 2 -17.61 -1.18 8.81
N THR A 3 -16.43 -1.02 9.40
CA THR A 3 -15.42 -2.07 9.44
C THR A 3 -14.58 -1.97 10.72
N PRO A 4 -15.17 -2.30 11.89
CA PRO A 4 -14.40 -2.39 13.14
C PRO A 4 -13.17 -3.30 13.04
N GLY A 5 -12.15 -2.98 13.83
CA GLY A 5 -10.89 -3.70 13.86
C GLY A 5 -9.90 -2.70 13.30
N ASN A 6 -10.22 -2.26 12.09
CA ASN A 6 -9.66 -1.13 11.36
C ASN A 6 -10.17 0.24 11.81
N PRO A 7 -9.26 1.13 12.23
CA PRO A 7 -9.74 2.46 12.59
C PRO A 7 -9.47 3.46 11.46
N LYS A 8 -9.05 4.66 11.83
CA LYS A 8 -8.81 5.69 10.82
C LYS A 8 -7.87 6.76 11.32
N TRP A 9 -7.21 7.43 10.39
CA TRP A 9 -6.34 8.53 10.74
C TRP A 9 -7.17 9.74 11.17
N GLU A 10 -6.67 10.48 12.15
CA GLU A 10 -7.38 11.67 12.65
C GLU A 10 -7.01 12.94 11.91
N ARG A 11 -5.92 12.92 11.15
CA ARG A 11 -5.59 14.04 10.28
C ARG A 11 -5.47 13.60 8.83
N THR A 12 -5.60 14.56 7.94
CA THR A 12 -5.67 14.27 6.51
C THR A 12 -4.31 14.41 5.81
N ASN A 13 -3.35 15.08 6.45
CA ASN A 13 -2.03 15.20 5.80
C ASN A 13 -1.17 14.15 6.49
N LEU A 14 -0.77 13.09 5.78
CA LEU A 14 0.03 12.00 6.35
C LEU A 14 1.39 11.99 5.68
N THR A 15 2.43 11.68 6.45
CA THR A 15 3.76 11.56 5.87
C THR A 15 4.10 10.10 5.58
N TYR A 16 4.97 9.90 4.61
CA TYR A 16 5.48 8.56 4.31
C TYR A 16 6.99 8.60 4.06
N ARG A 17 7.62 7.46 4.29
CA ARG A 17 9.06 7.31 4.09
C ARG A 17 9.33 5.97 3.47
N ILE A 18 10.16 5.95 2.42
CA ILE A 18 10.65 4.71 1.83
C ILE A 18 12.01 4.40 2.46
N ARG A 19 12.06 3.32 3.24
CA ARG A 19 13.23 3.04 4.07
C ARG A 19 14.37 2.38 3.33
N ASN A 20 14.02 1.58 2.32
CA ASN A 20 15.00 0.89 1.50
C ASN A 20 14.38 0.52 0.16
N TYR A 21 15.15 -0.16 -0.68
CA TYR A 21 14.75 -0.36 -2.06
C TYR A 21 14.90 -1.83 -2.46
N THR A 22 14.48 -2.14 -3.68
CA THR A 22 14.61 -3.48 -4.20
C THR A 22 15.57 -3.46 -5.39
N PRO A 23 16.43 -4.47 -5.51
CA PRO A 23 17.35 -4.53 -6.66
C PRO A 23 16.62 -4.76 -7.99
N GLN A 24 15.34 -5.10 -7.91
CA GLN A 24 14.55 -5.40 -9.10
C GLN A 24 14.16 -4.17 -9.91
N LEU A 25 14.26 -2.98 -9.30
CA LEU A 25 13.83 -1.73 -9.93
C LEU A 25 14.84 -0.64 -9.60
N SER A 26 14.87 0.41 -10.40
CA SER A 26 15.69 1.57 -10.04
C SER A 26 15.06 2.30 -8.85
N GLU A 27 15.83 3.13 -8.17
CA GLU A 27 15.29 3.89 -7.06
C GLU A 27 14.16 4.79 -7.51
N ALA A 28 14.33 5.42 -8.67
CA ALA A 28 13.30 6.29 -9.24
C ALA A 28 12.02 5.50 -9.52
N GLU A 29 12.16 4.28 -10.03
CA GLU A 29 10.99 3.47 -10.34
C GLU A 29 10.22 3.07 -9.08
N VAL A 30 10.94 2.77 -8.01
CA VAL A 30 10.28 2.50 -6.73
C VAL A 30 9.59 3.75 -6.20
N GLU A 31 10.27 4.90 -6.25
CA GLU A 31 9.69 6.16 -5.78
C GLU A 31 8.41 6.46 -6.55
N ARG A 32 8.43 6.26 -7.86
CA ARG A 32 7.29 6.57 -8.70
C ARG A 32 6.12 5.60 -8.42
N ALA A 33 6.43 4.32 -8.24
CA ALA A 33 5.39 3.35 -7.94
C ALA A 33 4.66 3.71 -6.63
N ILE A 34 5.44 4.03 -5.60
CA ILE A 34 4.87 4.35 -4.30
C ILE A 34 4.09 5.67 -4.34
N LYS A 35 4.68 6.69 -4.94
CA LYS A 35 4.01 7.98 -5.07
C LYS A 35 2.65 7.83 -5.76
N ASP A 36 2.64 7.13 -6.89
CA ASP A 36 1.40 7.01 -7.66
C ASP A 36 0.37 6.14 -6.93
N ALA A 37 0.83 5.16 -6.15
CA ALA A 37 -0.10 4.36 -5.35
C ALA A 37 -0.79 5.25 -4.30
N PHE A 38 -0.06 6.14 -3.65
CA PHE A 38 -0.69 7.09 -2.73
C PHE A 38 -1.65 8.03 -3.47
N GLU A 39 -1.24 8.48 -4.64
CA GLU A 39 -2.08 9.39 -5.43
C GLU A 39 -3.44 8.81 -5.74
N LEU A 40 -3.52 7.50 -5.99
CA LEU A 40 -4.79 6.83 -6.23
C LEU A 40 -5.79 7.13 -5.14
N TRP A 41 -5.35 6.97 -3.90
CA TRP A 41 -6.21 7.22 -2.78
C TRP A 41 -6.46 8.71 -2.57
N SER A 42 -5.43 9.53 -2.82
CA SER A 42 -5.57 10.96 -2.62
C SER A 42 -6.62 11.58 -3.54
N VAL A 43 -6.73 11.10 -4.77
CA VAL A 43 -7.66 11.75 -5.70
C VAL A 43 -9.11 11.31 -5.48
N ALA A 44 -9.33 10.40 -4.54
CA ALA A 44 -10.67 9.93 -4.19
C ALA A 44 -11.06 10.23 -2.74
N SER A 45 -10.27 11.07 -2.07
CA SER A 45 -10.44 11.33 -0.63
C SER A 45 -9.83 12.70 -0.29
N PRO A 46 -9.92 13.15 0.96
CA PRO A 46 -9.23 14.40 1.31
C PRO A 46 -7.76 14.21 1.69
N LEU A 47 -7.28 12.98 1.61
CA LEU A 47 -5.94 12.69 2.11
C LEU A 47 -4.87 13.29 1.21
N ILE A 48 -3.83 13.82 1.85
CA ILE A 48 -2.67 14.38 1.18
C ILE A 48 -1.45 13.67 1.75
N PHE A 49 -0.64 13.09 0.88
CA PHE A 49 0.53 12.35 1.32
C PHE A 49 1.80 13.13 1.04
N THR A 50 2.62 13.27 2.07
CA THR A 50 3.83 14.05 1.97
C THR A 50 5.05 13.16 2.25
N ARG A 51 5.97 13.10 1.31
CA ARG A 51 7.18 12.29 1.44
C ARG A 51 8.25 12.95 2.31
N ILE A 52 8.86 12.16 3.18
CA ILE A 52 10.06 12.59 3.88
C ILE A 52 11.18 11.63 3.52
N SER A 53 12.41 12.11 3.60
CA SER A 53 13.57 11.32 3.15
C SER A 53 14.25 10.57 4.27
N GLN A 54 14.07 11.04 5.50
CA GLN A 54 14.66 10.44 6.69
C GLN A 54 13.73 10.70 7.85
N GLY A 55 13.95 10.00 8.97
CA GLY A 55 13.20 10.26 10.18
C GLY A 55 11.90 9.50 10.30
N GLU A 56 11.04 9.94 11.20
CA GLU A 56 9.81 9.24 11.50
C GLU A 56 8.61 9.75 10.69
N ALA A 57 8.05 8.86 9.88
CA ALA A 57 6.88 9.15 9.08
C ALA A 57 5.67 8.41 9.63
N ASP A 58 4.48 8.84 9.24
CA ASP A 58 3.28 8.10 9.60
C ASP A 58 3.29 6.72 9.00
N ILE A 59 3.62 6.65 7.71
CA ILE A 59 3.63 5.39 6.97
C ILE A 59 5.04 5.06 6.49
N ASN A 60 5.65 4.04 7.11
CA ASN A 60 6.93 3.53 6.67
C ASN A 60 6.74 2.46 5.62
N ILE A 61 7.52 2.54 4.55
CA ILE A 61 7.54 1.53 3.49
C ILE A 61 8.90 0.86 3.46
N ALA A 62 8.93 -0.46 3.40
CA ALA A 62 10.23 -1.15 3.32
C ALA A 62 10.10 -2.51 2.68
N PHE A 63 11.20 -2.95 2.10
CA PHE A 63 11.35 -4.30 1.56
C PHE A 63 12.11 -5.16 2.54
N TYR A 64 11.48 -6.25 2.98
CA TYR A 64 12.08 -7.18 3.94
C TYR A 64 11.89 -8.62 3.50
N GLN A 65 12.76 -9.51 4.00
CA GLN A 65 12.68 -10.94 3.75
C GLN A 65 12.31 -11.72 5.01
N ARG A 66 11.51 -12.77 4.85
CA ARG A 66 11.23 -13.75 5.91
C ARG A 66 10.91 -13.05 7.23
N ASP A 67 11.55 -13.44 8.33
CA ASP A 67 11.33 -12.77 9.61
C ASP A 67 11.87 -11.35 9.57
N HIS A 68 11.08 -10.37 9.95
CA HIS A 68 11.57 -8.99 9.89
C HIS A 68 11.02 -8.10 11.02
N GLY A 69 10.80 -8.70 12.18
CA GLY A 69 10.60 -7.93 13.40
C GLY A 69 9.18 -7.62 13.83
N ASP A 70 8.20 -8.16 13.11
CA ASP A 70 6.81 -7.84 13.45
C ASP A 70 5.89 -9.05 13.61
N ASN A 71 6.45 -10.24 13.73
CA ASN A 71 5.65 -11.44 14.02
C ASN A 71 4.78 -11.94 12.85
N SER A 72 4.92 -11.30 11.69
CA SER A 72 4.27 -11.78 10.47
C SER A 72 5.32 -11.98 9.38
N PRO A 73 6.01 -13.11 9.44
CA PRO A 73 7.11 -13.35 8.51
C PRO A 73 6.65 -13.47 7.06
N PHE A 74 7.46 -12.97 6.13
CA PHE A 74 7.25 -13.30 4.72
C PHE A 74 7.71 -14.73 4.41
N ASP A 75 7.47 -15.16 3.18
CA ASP A 75 7.46 -16.59 2.85
C ASP A 75 8.27 -16.93 1.60
N GLY A 76 9.18 -16.07 1.17
CA GLY A 76 9.92 -16.31 -0.04
C GLY A 76 9.13 -15.96 -1.29
N PRO A 77 9.66 -16.30 -2.47
CA PRO A 77 9.03 -15.95 -3.75
C PRO A 77 7.57 -16.39 -3.83
N ASN A 78 6.73 -15.52 -4.36
CA ASN A 78 5.28 -15.74 -4.51
C ASN A 78 4.55 -15.82 -3.16
N GLY A 79 3.33 -16.34 -3.14
CA GLY A 79 2.58 -16.38 -1.91
C GLY A 79 2.25 -14.98 -1.40
N ILE A 80 2.56 -14.70 -0.13
CA ILE A 80 2.40 -13.37 0.44
C ILE A 80 3.33 -12.40 -0.27
N LEU A 81 2.79 -11.34 -0.86
CA LEU A 81 3.65 -10.39 -1.56
C LEU A 81 4.04 -9.20 -0.70
N ALA A 82 3.17 -8.86 0.25
CA ALA A 82 3.28 -7.64 1.05
C ALA A 82 2.23 -7.68 2.16
N HIS A 83 2.36 -6.81 3.14
CA HIS A 83 1.28 -6.61 4.11
C HIS A 83 1.36 -5.22 4.70
N ALA A 84 0.30 -4.81 5.37
CA ALA A 84 0.27 -3.49 6.00
C ALA A 84 -0.56 -3.48 7.27
N PHE A 85 -0.31 -2.49 8.09
CA PHE A 85 -0.96 -2.37 9.37
C PHE A 85 -2.01 -1.26 9.35
N GLN A 86 -3.09 -1.47 10.10
CA GLN A 86 -4.18 -0.50 10.18
C GLN A 86 -3.71 0.83 10.77
N PRO A 87 -4.47 1.90 10.55
CA PRO A 87 -4.11 3.20 11.12
C PRO A 87 -3.83 3.14 12.61
N GLY A 88 -2.79 3.85 13.03
CA GLY A 88 -2.41 3.87 14.44
C GLY A 88 -1.01 4.40 14.57
N GLN A 89 -0.58 4.60 15.82
CA GLN A 89 0.77 5.04 16.10
C GLN A 89 1.77 3.90 15.89
N GLY A 90 3.05 4.26 15.81
CA GLY A 90 4.10 3.26 15.68
C GLY A 90 4.00 2.50 14.38
N ILE A 91 3.92 1.18 14.46
CA ILE A 91 3.86 0.35 13.27
C ILE A 91 2.55 0.55 12.50
N GLY A 92 1.55 1.16 13.14
CA GLY A 92 0.29 1.46 12.48
C GLY A 92 0.53 2.18 11.16
N GLY A 93 -0.19 1.75 10.13
CA GLY A 93 -0.02 2.34 8.80
C GLY A 93 1.12 1.78 7.98
N ASP A 94 2.10 1.14 8.61
CA ASP A 94 3.30 0.76 7.88
C ASP A 94 3.02 -0.33 6.86
N ALA A 95 3.79 -0.32 5.77
CA ALA A 95 3.62 -1.28 4.69
C ALA A 95 4.94 -1.95 4.38
N HIS A 96 4.94 -3.27 4.41
CA HIS A 96 6.14 -4.07 4.12
C HIS A 96 5.96 -4.89 2.87
N PHE A 97 7.00 -4.97 2.05
CA PHE A 97 6.97 -5.68 0.77
C PHE A 97 8.00 -6.80 0.79
N ASP A 98 7.61 -7.97 0.30
CA ASP A 98 8.51 -9.12 0.35
C ASP A 98 9.66 -8.91 -0.61
N ALA A 99 10.87 -8.81 -0.06
CA ALA A 99 12.06 -8.49 -0.85
C ALA A 99 12.47 -9.61 -1.79
N GLU A 100 11.86 -10.79 -1.64
CA GLU A 100 12.21 -11.92 -2.49
C GLU A 100 11.34 -12.02 -3.75
N GLU A 101 10.43 -11.05 -3.94
CA GLU A 101 9.61 -11.03 -5.15
C GLU A 101 10.32 -10.38 -6.32
N THR A 102 9.92 -10.78 -7.53
CA THR A 102 10.23 -10.01 -8.71
C THR A 102 9.24 -8.85 -8.70
N TRP A 103 9.75 -7.64 -8.53
CA TRP A 103 8.94 -6.45 -8.54
C TRP A 103 9.10 -5.77 -9.89
N THR A 104 7.98 -5.36 -10.48
CA THR A 104 8.02 -4.77 -11.82
C THR A 104 7.21 -3.50 -11.89
N ASN A 105 7.34 -2.79 -13.01
CA ASN A 105 6.36 -1.77 -13.35
C ASN A 105 5.76 -2.10 -14.72
N THR A 106 5.55 -3.39 -14.96
CA THR A 106 4.96 -3.88 -16.19
C THR A 106 3.80 -4.80 -15.86
N SER A 107 3.35 -5.58 -16.84
CA SER A 107 2.31 -6.55 -16.58
C SER A 107 2.85 -7.89 -16.05
N ALA A 108 4.17 -8.02 -15.99
CA ALA A 108 4.78 -9.22 -15.44
C ALA A 108 4.66 -9.23 -13.92
N ASN A 109 4.64 -10.41 -13.33
CA ASN A 109 4.08 -10.57 -11.99
C ASN A 109 4.60 -9.68 -10.88
N TYR A 110 3.61 -9.11 -10.23
CA TYR A 110 3.79 -8.29 -9.05
C TYR A 110 4.43 -6.99 -9.51
N ASN A 111 3.54 -6.31 -10.18
CA ASN A 111 3.60 -4.89 -10.33
C ASN A 111 3.58 -4.22 -8.96
N LEU A 112 4.65 -3.50 -8.65
CA LEU A 112 4.80 -2.89 -7.33
C LEU A 112 3.74 -1.83 -7.07
N PHE A 113 3.46 -1.01 -8.08
CA PHE A 113 2.42 0.02 -7.94
C PHE A 113 1.08 -0.58 -7.50
N LEU A 114 0.66 -1.65 -8.14
CA LEU A 114 -0.62 -2.26 -7.79
C LEU A 114 -0.60 -2.86 -6.41
N VAL A 115 0.48 -3.54 -6.05
CA VAL A 115 0.53 -4.14 -4.71
C VAL A 115 0.57 -3.05 -3.65
N ALA A 116 1.36 -2.01 -3.89
CA ALA A 116 1.45 -0.89 -2.94
C ALA A 116 0.09 -0.20 -2.78
N ALA A 117 -0.63 -0.03 -3.88
CA ALA A 117 -1.95 0.60 -3.79
C ALA A 117 -2.90 -0.21 -2.91
N HIS A 118 -2.87 -1.53 -3.08
CA HIS A 118 -3.66 -2.41 -2.21
C HIS A 118 -3.25 -2.26 -0.74
N GLU A 119 -1.95 -2.33 -0.47
CA GLU A 119 -1.49 -2.25 0.91
C GLU A 119 -1.85 -0.92 1.55
N PHE A 120 -1.73 0.15 0.79
CA PHE A 120 -2.08 1.46 1.34
C PHE A 120 -3.57 1.56 1.68
N GLY A 121 -4.43 0.81 0.99
CA GLY A 121 -5.83 0.72 1.40
C GLY A 121 -5.90 0.24 2.83
N HIS A 122 -5.16 -0.82 3.16
CA HIS A 122 -5.08 -1.29 4.55
C HIS A 122 -4.49 -0.23 5.49
N SER A 123 -3.42 0.43 5.06
CA SER A 123 -2.81 1.50 5.86
C SER A 123 -3.81 2.61 6.23
N LEU A 124 -4.84 2.78 5.39
CA LEU A 124 -5.83 3.84 5.58
C LEU A 124 -7.10 3.35 6.29
N GLY A 125 -7.22 2.04 6.46
CA GLY A 125 -8.33 1.49 7.24
C GLY A 125 -9.32 0.62 6.49
N LEU A 126 -8.99 0.23 5.26
CA LEU A 126 -9.88 -0.64 4.48
C LEU A 126 -9.51 -2.11 4.69
N ALA A 127 -10.53 -2.96 4.66
CA ALA A 127 -10.33 -4.41 4.67
C ALA A 127 -10.45 -4.93 3.24
N HIS A 128 -10.43 -6.24 3.10
CA HIS A 128 -10.57 -6.82 1.77
C HIS A 128 -11.99 -6.70 1.26
N SER A 129 -12.11 -6.63 -0.06
CA SER A 129 -13.38 -6.59 -0.75
C SER A 129 -13.64 -7.92 -1.45
N SER A 130 -14.92 -8.30 -1.56
CA SER A 130 -15.32 -9.49 -2.31
C SER A 130 -15.48 -9.20 -3.80
N ASP A 131 -15.39 -7.92 -4.18
CA ASP A 131 -15.47 -7.50 -5.58
C ASP A 131 -14.16 -7.81 -6.31
N PRO A 132 -14.17 -8.77 -7.25
CA PRO A 132 -12.92 -9.11 -7.94
C PRO A 132 -12.32 -7.99 -8.78
N GLY A 133 -13.11 -6.97 -9.09
CA GLY A 133 -12.60 -5.81 -9.82
C GLY A 133 -11.97 -4.78 -8.90
N ALA A 134 -12.11 -4.97 -7.59
CA ALA A 134 -11.59 -4.02 -6.61
C ALA A 134 -10.11 -4.22 -6.34
N LEU A 135 -9.38 -3.13 -6.15
CA LEU A 135 -7.99 -3.21 -5.72
C LEU A 135 -7.83 -3.98 -4.42
N MET A 136 -8.82 -3.85 -3.55
CA MET A 136 -8.76 -4.49 -2.24
C MET A 136 -9.22 -5.96 -2.25
N TYR A 137 -9.41 -6.54 -3.42
CA TYR A 137 -9.64 -7.98 -3.52
C TYR A 137 -8.42 -8.71 -2.92
N PRO A 138 -8.61 -9.86 -2.23
CA PRO A 138 -7.49 -10.46 -1.51
C PRO A 138 -6.33 -10.93 -2.39
N ASN A 139 -6.61 -11.34 -3.61
CA ASN A 139 -5.58 -11.94 -4.47
C ASN A 139 -5.11 -11.01 -5.57
N TYR A 140 -3.81 -11.08 -5.86
CA TYR A 140 -3.18 -10.27 -6.91
C TYR A 140 -3.73 -10.55 -8.29
N ALA A 141 -4.05 -9.47 -9.00
CA ALA A 141 -4.38 -9.56 -10.41
C ALA A 141 -3.84 -8.31 -11.09
N PHE A 142 -3.34 -8.46 -12.31
CA PHE A 142 -2.91 -7.27 -13.02
C PHE A 142 -4.11 -6.49 -13.55
N ARG A 143 -3.98 -5.16 -13.49
CA ARG A 143 -4.92 -4.22 -14.11
C ARG A 143 -4.08 -3.11 -14.72
N GLU A 144 -4.61 -2.44 -15.73
CA GLU A 144 -3.86 -1.37 -16.41
C GLU A 144 -3.43 -0.24 -15.46
N THR A 145 -2.22 0.25 -15.65
CA THR A 145 -1.61 1.22 -14.73
C THR A 145 -1.30 2.56 -15.39
N SER A 146 -2.13 2.95 -16.35
CA SER A 146 -1.90 4.12 -17.19
C SER A 146 -2.34 5.46 -16.58
N ASN A 147 -3.26 5.43 -15.62
CA ASN A 147 -3.75 6.67 -15.00
C ASN A 147 -4.12 6.47 -13.54
N TYR A 148 -4.64 7.52 -12.90
CA TYR A 148 -4.91 7.48 -11.48
C TYR A 148 -6.35 7.05 -11.18
N SER A 149 -6.87 6.10 -11.95
CA SER A 149 -8.23 5.61 -11.75
C SER A 149 -8.31 4.45 -10.75
N LEU A 150 -8.97 4.72 -9.62
CA LEU A 150 -9.29 3.70 -8.63
C LEU A 150 -10.57 2.99 -9.03
N PRO A 151 -10.64 1.65 -8.88
CA PRO A 151 -11.91 0.97 -9.14
C PRO A 151 -13.00 1.52 -8.25
N GLN A 152 -14.23 1.51 -8.74
CA GLN A 152 -15.30 2.19 -8.03
C GLN A 152 -15.56 1.62 -6.63
N ASP A 153 -15.37 0.31 -6.44
CA ASP A 153 -15.57 -0.25 -5.11
C ASP A 153 -14.60 0.33 -4.08
N ASP A 154 -13.36 0.59 -4.50
CA ASP A 154 -12.36 1.18 -3.63
C ASP A 154 -12.65 2.65 -3.31
N ILE A 155 -13.21 3.37 -4.30
CA ILE A 155 -13.68 4.73 -4.08
C ILE A 155 -14.79 4.72 -3.02
N ASP A 156 -15.73 3.78 -3.17
CA ASP A 156 -16.77 3.65 -2.16
C ASP A 156 -16.19 3.43 -0.75
N GLY A 157 -15.17 2.58 -0.66
CA GLY A 157 -14.54 2.28 0.60
C GLY A 157 -13.85 3.46 1.26
N ILE A 158 -13.00 4.16 0.51
CA ILE A 158 -12.25 5.24 1.12
C ILE A 158 -13.17 6.43 1.45
N GLN A 159 -14.18 6.66 0.61
CA GLN A 159 -15.21 7.67 0.89
C GLN A 159 -16.01 7.35 2.15
N ALA A 160 -16.28 6.08 2.40
CA ALA A 160 -17.04 5.69 3.59
C ALA A 160 -16.27 5.98 4.89
N ILE A 161 -14.95 6.06 4.82
CA ILE A 161 -14.14 6.36 5.99
C ILE A 161 -13.84 7.85 6.13
N TYR A 162 -13.44 8.48 5.03
CA TYR A 162 -12.91 9.84 5.08
C TYR A 162 -13.73 10.88 4.33
N GLY A 163 -14.75 10.46 3.60
CA GLY A 163 -15.41 11.38 2.68
C GLY A 163 -14.45 11.80 1.60
CA CA B . 3.43 4.11 11.26
CA CA C . 6.35 -13.98 -0.79
ZN ZN D . 5.99 -6.89 8.19
ZN ZN E . -4.78 -7.20 1.61
CAG 5XT F . -1.56 -9.95 2.96
CAW 5XT F . -1.67 -8.99 3.97
OAD 5XT F . -1.40 -9.26 5.34
CAR 5XT F . -2.04 -7.70 3.65
OAA 5XT F . -2.13 -6.74 4.71
CAE 5XT F . -2.33 -7.37 2.32
CAF 5XT F . -2.21 -8.34 1.31
CAS 5XT F . -1.83 -9.62 1.62
NAQ 5XT F . -1.71 -10.63 0.60
SAX 5XT F . -0.54 -10.49 -0.58
OAB 5XT F . 0.70 -9.86 -0.02
OAC 5XT F . -0.16 -11.84 -1.11
CAV 5XT F . -1.21 -9.47 -1.93
CAP 5XT F . -2.40 -9.85 -2.54
CAN 5XT F . -2.94 -9.08 -3.59
CAO 5XT F . -0.56 -8.32 -2.35
CAM 5XT F . -1.09 -7.55 -3.40
CAU 5XT F . -2.29 -7.91 -4.00
CAT 5XT F . -2.89 -7.10 -5.17
CAK 5XT F . -3.81 -7.69 -6.05
CAI 5XT F . -4.34 -6.99 -7.15
CAH 5XT F . -3.95 -5.68 -7.37
CAJ 5XT F . -3.03 -5.08 -6.50
CAL 5XT F . -2.49 -5.79 -5.42
CAG 7FY G . -3.07 -9.24 1.74
CAW 7FY G . -3.20 -8.63 3.00
OAD 7FY G . -4.19 -7.97 3.17
CAR 7FY G . -2.26 -8.78 3.98
OAA 7FY G . -2.37 -8.25 5.09
CAE 7FY G . -1.14 -9.56 3.69
CAF 7FY G . -0.99 -10.19 2.45
CAS 7FY G . -1.95 -10.01 1.48
NAQ 7FY G . -1.78 -10.66 0.19
SAX 7FY G . -0.54 -10.33 -0.84
OAB 7FY G . 0.60 -9.64 -0.14
OAC 7FY G . -0.04 -11.62 -1.45
CAV 7FY G . -1.20 -9.26 -2.16
CAP 7FY G . -2.35 -9.67 -2.83
CAN 7FY G . -2.89 -8.88 -3.84
CAO 7FY G . -0.59 -8.05 -2.50
CAM 7FY G . -1.13 -7.25 -3.53
CAU 7FY G . -2.28 -7.67 -4.19
CAT 7FY G . -2.91 -6.84 -5.33
CAK 7FY G . -3.79 -7.47 -6.22
CAI 7FY G . -4.37 -6.78 -7.28
CAH 7FY G . -4.09 -5.45 -7.46
CAJ 7FY G . -3.22 -4.81 -6.57
CAL 7FY G . -2.62 -5.51 -5.50
O1 MES H . -1.17 6.43 -12.96
C2 MES H . -0.01 7.13 -13.42
C3 MES H . 1.05 6.15 -13.92
N4 MES H . 1.35 5.18 -12.87
C5 MES H . 0.20 4.54 -12.20
C6 MES H . -0.85 5.59 -11.85
C7 MES H . 2.42 4.26 -13.26
C8 MES H . 3.17 3.78 -12.02
S MES H . 4.30 2.58 -12.31
O1S MES H . 3.60 1.38 -12.82
O2S MES H . 5.03 2.19 -11.08
O3S MES H . 5.26 3.07 -13.33
#